data_3KQM
#
_entry.id   3KQM
#
_cell.length_a   93.780
_cell.length_b   93.780
_cell.length_c   188.661
_cell.angle_alpha   90.000
_cell.angle_beta   90.000
_cell.angle_gamma   90.000
#
_symmetry.space_group_name_H-M   'P 43 21 2'
#
loop_
_entity.id
_entity.type
_entity.pdbx_description
1 polymer 'Phenylethanolamine N-methyltransferase'
2 non-polymer S-ADENOSYL-L-HOMOCYSTEINE
3 non-polymer 4-bromo-1H-imidazole
4 water water
#
_entity_poly.entity_id   1
_entity_poly.type   'polypeptide(L)'
_entity_poly.pdbx_seq_one_letter_code
;MSGADRSPNAGAAPDSAPGQAAVASAYQRFEPRAYLRNNYAPPRGDLCNPNGVGPWKLRCLAQTFATGEVSGRTLIDIGS
GPTVYQLLSACSHFEDITMTDFLEVNRQELGRWLQEEPGAFNWSMYSQHACLIEGKGECWQDKERQLRARVKRVLPIDVH
QPQPLGAGSPAPLPADALVSAFCLEAVSPDLASFQRALDHITTLLRPGGHLLLIGALEESWYLAGEARLTVVPVSEEEVR
EALVRSGYKVRDLRTYIMPAHLQTGVDDVKGVFFAWAQKVGLEHHHHHH
;
_entity_poly.pdbx_strand_id   A,B
#
# COMPACT_ATOMS: atom_id res chain seq x y z
N ALA A 24 -1.99 35.17 -21.75
CA ALA A 24 -2.51 34.19 -20.80
C ALA A 24 -3.56 33.28 -21.43
N SER A 25 -4.12 33.73 -22.56
CA SER A 25 -5.13 32.97 -23.30
C SER A 25 -4.68 31.55 -23.59
N ALA A 26 -3.39 31.29 -23.40
CA ALA A 26 -2.84 29.96 -23.63
C ALA A 26 -3.55 28.93 -22.75
N TYR A 27 -3.86 29.33 -21.52
CA TYR A 27 -4.47 28.39 -20.57
C TYR A 27 -5.86 27.97 -21.00
N GLN A 28 -6.35 28.61 -22.05
CA GLN A 28 -7.67 28.29 -22.59
C GLN A 28 -7.66 27.01 -23.44
N ARG A 29 -6.50 26.60 -23.92
CA ARG A 29 -6.36 25.33 -24.64
C ARG A 29 -5.85 24.21 -23.73
N PHE A 30 -5.50 24.57 -22.50
CA PHE A 30 -4.96 23.64 -21.52
C PHE A 30 -5.85 22.39 -21.34
N GLU A 31 -5.31 21.22 -21.68
CA GLU A 31 -6.03 19.95 -21.55
C GLU A 31 -5.65 19.19 -20.26
N PRO A 32 -6.55 19.18 -19.27
CA PRO A 32 -6.33 18.47 -17.99
C PRO A 32 -5.78 17.05 -18.14
N ARG A 33 -6.42 16.22 -18.94
CA ARG A 33 -5.97 14.82 -19.04
C ARG A 33 -4.53 14.72 -19.57
N ALA A 34 -4.20 15.58 -20.54
CA ALA A 34 -2.85 15.56 -21.12
C ALA A 34 -1.84 16.08 -20.11
N TYR A 35 -2.24 17.03 -19.28
CA TYR A 35 -1.37 17.47 -18.22
C TYR A 35 -1.08 16.34 -17.22
N LEU A 36 -2.14 15.68 -16.74
CA LEU A 36 -2.00 14.56 -15.81
C LEU A 36 -1.14 13.46 -16.44
N ARG A 37 -1.43 13.15 -17.69
CA ARG A 37 -0.64 12.18 -18.42
C ARG A 37 0.84 12.56 -18.50
N ASN A 38 1.11 13.78 -18.93
CA ASN A 38 2.49 14.26 -19.08
C ASN A 38 3.26 14.32 -17.78
N ASN A 39 2.54 14.43 -16.66
CA ASN A 39 3.20 14.76 -15.40
C ASN A 39 3.05 13.77 -14.26
N TYR A 40 1.97 13.00 -14.28
CA TYR A 40 1.68 12.13 -13.13
C TYR A 40 1.46 10.67 -13.49
N ALA A 41 1.57 10.35 -14.78
CA ALA A 41 1.61 8.96 -15.24
C ALA A 41 3.08 8.60 -15.50
N PRO A 42 3.40 7.29 -15.64
CA PRO A 42 4.80 6.93 -15.85
C PRO A 42 5.37 7.63 -17.08
N PRO A 43 6.68 7.95 -17.09
CA PRO A 43 7.71 7.65 -16.08
C PRO A 43 7.72 8.57 -14.85
N ARG A 44 7.30 9.84 -14.98
CA ARG A 44 7.31 10.74 -13.83
C ARG A 44 6.40 10.23 -12.74
N GLY A 45 5.37 9.50 -13.14
CA GLY A 45 4.42 8.95 -12.19
C GLY A 45 4.77 7.59 -11.59
N ASP A 46 5.92 7.05 -11.97
CA ASP A 46 6.34 5.78 -11.37
C ASP A 46 6.89 6.05 -9.98
N LEU A 47 6.16 5.62 -8.97
CA LEU A 47 6.54 5.95 -7.60
C LEU A 47 7.46 4.90 -6.97
N CYS A 48 7.61 3.75 -7.64
CA CYS A 48 8.41 2.64 -7.12
C CYS A 48 9.87 3.01 -6.87
N ASN A 49 10.44 3.88 -7.70
CA ASN A 49 11.82 4.29 -7.54
C ASN A 49 11.95 5.51 -6.64
N PRO A 50 12.63 5.34 -5.51
CA PRO A 50 12.79 6.38 -4.50
C PRO A 50 13.47 7.62 -5.08
N ASN A 51 14.29 7.43 -6.11
CA ASN A 51 15.04 8.54 -6.66
C ASN A 51 14.24 9.42 -7.62
N GLY A 52 13.00 9.03 -7.91
CA GLY A 52 12.19 9.81 -8.83
C GLY A 52 11.65 11.13 -8.27
N VAL A 53 11.01 11.91 -9.14
CA VAL A 53 10.40 13.19 -8.74
C VAL A 53 9.08 13.01 -7.98
N GLY A 54 8.29 12.00 -8.34
CA GLY A 54 7.05 11.75 -7.62
C GLY A 54 7.34 11.59 -6.14
N PRO A 55 8.10 10.54 -5.79
CA PRO A 55 8.45 10.25 -4.40
C PRO A 55 9.05 11.47 -3.71
N TRP A 56 9.88 12.23 -4.42
CA TRP A 56 10.48 13.44 -3.86
C TRP A 56 9.42 14.47 -3.43
N LYS A 57 8.49 14.80 -4.32
CA LYS A 57 7.43 15.74 -3.95
C LYS A 57 6.65 15.28 -2.72
N LEU A 58 6.25 14.01 -2.68
CA LEU A 58 5.49 13.48 -1.54
C LEU A 58 6.31 13.52 -0.26
N ARG A 59 7.61 13.28 -0.40
CA ARG A 59 8.51 13.25 0.74
C ARG A 59 8.63 14.64 1.38
N CYS A 60 8.79 15.67 0.57
CA CYS A 60 8.90 17.03 1.11
C CYS A 60 7.62 17.39 1.85
N LEU A 61 6.49 17.03 1.26
CA LEU A 61 5.20 17.32 1.86
C LEU A 61 5.02 16.58 3.20
N ALA A 62 5.35 15.30 3.23
CA ALA A 62 5.18 14.47 4.42
C ALA A 62 6.12 14.88 5.57
N GLN A 63 7.39 15.03 5.25
CA GLN A 63 8.36 15.49 6.24
C GLN A 63 7.94 16.79 6.93
N THR A 64 7.45 17.74 6.15
CA THR A 64 7.09 19.06 6.68
C THR A 64 5.93 18.99 7.67
N PHE A 65 4.92 18.18 7.36
CA PHE A 65 3.76 18.06 8.25
C PHE A 65 4.10 17.22 9.49
N ALA A 66 5.04 16.28 9.35
CA ALA A 66 5.36 15.38 10.45
C ALA A 66 6.05 16.12 11.58
N THR A 67 6.52 17.33 11.28
CA THR A 67 7.14 18.18 12.28
C THR A 67 6.15 18.60 13.37
N GLY A 68 4.88 18.66 13.01
CA GLY A 68 3.85 19.15 13.91
C GLY A 68 3.72 20.68 13.94
N GLU A 69 4.57 21.38 13.18
CA GLU A 69 4.57 22.84 13.22
C GLU A 69 3.63 23.55 12.21
N VAL A 70 3.15 22.82 11.22
CA VAL A 70 2.16 23.36 10.30
C VAL A 70 0.78 22.84 10.73
N SER A 71 0.03 23.70 11.40
CA SER A 71 -1.22 23.25 11.99
C SER A 71 -2.26 24.35 12.06
N GLY A 72 -3.51 23.94 12.24
CA GLY A 72 -4.63 24.87 12.29
C GLY A 72 -5.93 24.20 11.89
N ARG A 73 -6.87 25.00 11.39
CA ARG A 73 -8.21 24.51 11.07
C ARG A 73 -8.51 24.55 9.57
N THR A 74 -8.14 25.65 8.93
CA THR A 74 -8.42 25.81 7.49
C THR A 74 -7.16 25.91 6.66
N LEU A 75 -7.22 25.35 5.45
CA LEU A 75 -6.11 25.37 4.52
C LEU A 75 -6.61 25.67 3.12
N ILE A 76 -5.84 26.44 2.35
CA ILE A 76 -6.20 26.64 0.95
C ILE A 76 -5.08 26.26 -0.02
N ASP A 77 -5.45 25.51 -1.06
CA ASP A 77 -4.52 25.06 -2.08
C ASP A 77 -4.66 25.96 -3.31
N ILE A 78 -3.57 26.62 -3.68
CA ILE A 78 -3.59 27.61 -4.77
C ILE A 78 -3.17 27.00 -6.09
N GLY A 79 -4.04 27.09 -7.09
CA GLY A 79 -3.74 26.59 -8.42
C GLY A 79 -3.65 25.08 -8.44
N SER A 80 -4.69 24.43 -7.92
CA SER A 80 -4.70 22.98 -7.74
C SER A 80 -4.60 22.22 -9.06
N GLY A 81 -5.03 22.87 -10.14
CA GLY A 81 -5.20 22.18 -11.40
C GLY A 81 -6.06 20.95 -11.18
N PRO A 82 -5.72 19.84 -11.84
CA PRO A 82 -6.52 18.63 -11.72
C PRO A 82 -5.86 17.64 -10.76
N THR A 83 -4.97 18.11 -9.89
CA THR A 83 -4.21 17.18 -9.04
C THR A 83 -4.53 17.34 -7.55
N VAL A 84 -4.49 16.23 -6.82
CA VAL A 84 -4.81 16.21 -5.38
C VAL A 84 -3.65 15.72 -4.50
N TYR A 85 -2.57 15.25 -5.12
CA TYR A 85 -1.45 14.66 -4.37
C TYR A 85 -0.85 15.66 -3.39
N GLN A 86 -0.97 16.94 -3.71
CA GLN A 86 -0.32 17.97 -2.90
C GLN A 86 -0.98 18.16 -1.55
N LEU A 87 -2.07 17.45 -1.31
CA LEU A 87 -2.80 17.57 -0.05
C LEU A 87 -2.86 16.26 0.75
N LEU A 88 -2.32 15.17 0.20
CA LEU A 88 -2.42 13.87 0.83
C LEU A 88 -1.89 13.84 2.27
N SER A 89 -0.76 14.49 2.50
CA SER A 89 -0.23 14.53 3.86
C SER A 89 -0.90 15.64 4.65
N ALA A 90 -1.41 16.64 3.93
CA ALA A 90 -1.95 17.83 4.56
C ALA A 90 -3.31 17.56 5.20
N CYS A 91 -4.09 16.70 4.57
CA CYS A 91 -5.50 16.55 4.92
C CYS A 91 -5.69 16.07 6.35
N SER A 92 -4.65 15.47 6.93
CA SER A 92 -4.78 14.96 8.28
C SER A 92 -4.39 16.00 9.32
N HIS A 93 -4.09 17.21 8.86
CA HIS A 93 -3.78 18.29 9.79
C HIS A 93 -4.75 19.47 9.69
N PHE A 94 -5.68 19.40 8.73
CA PHE A 94 -6.61 20.50 8.49
C PHE A 94 -8.00 19.98 8.16
N GLU A 95 -8.98 20.38 8.96
CA GLU A 95 -10.32 19.84 8.85
C GLU A 95 -11.09 20.53 7.73
N ASP A 96 -10.73 21.78 7.43
CA ASP A 96 -11.38 22.51 6.35
C ASP A 96 -10.39 22.86 5.25
N ILE A 97 -10.54 22.20 4.10
CA ILE A 97 -9.65 22.41 2.99
C ILE A 97 -10.38 23.02 1.80
N THR A 98 -9.73 24.00 1.18
CA THR A 98 -10.27 24.69 0.02
C THR A 98 -9.35 24.49 -1.17
N MET A 99 -9.87 23.94 -2.26
CA MET A 99 -9.08 23.74 -3.47
C MET A 99 -9.49 24.77 -4.51
N THR A 100 -8.56 25.14 -5.38
CA THR A 100 -8.82 26.21 -6.33
C THR A 100 -8.14 26.00 -7.68
N ASP A 101 -8.72 26.62 -8.71
CA ASP A 101 -8.02 26.78 -9.98
C ASP A 101 -8.68 27.79 -10.89
N PHE A 102 -7.88 28.37 -11.77
CA PHE A 102 -8.33 29.36 -12.73
C PHE A 102 -9.29 28.74 -13.75
N LEU A 103 -9.05 27.48 -14.10
CA LEU A 103 -9.82 26.81 -15.15
C LEU A 103 -10.94 25.92 -14.63
N GLU A 104 -12.12 26.12 -15.19
CA GLU A 104 -13.27 25.31 -14.84
C GLU A 104 -13.06 23.82 -15.16
N VAL A 105 -12.45 23.53 -16.32
CA VAL A 105 -12.22 22.15 -16.71
C VAL A 105 -11.41 21.43 -15.61
N ASN A 106 -10.44 22.14 -15.04
CA ASN A 106 -9.68 21.60 -13.91
C ASN A 106 -10.55 21.39 -12.69
N ARG A 107 -11.41 22.35 -12.41
CA ARG A 107 -12.30 22.21 -11.26
C ARG A 107 -13.27 21.06 -11.51
N GLN A 108 -13.72 20.90 -12.74
CA GLN A 108 -14.57 19.78 -13.11
C GLN A 108 -13.81 18.49 -12.85
N GLU A 109 -12.58 18.44 -13.36
CA GLU A 109 -11.78 17.24 -13.23
C GLU A 109 -11.56 16.86 -11.76
N LEU A 110 -11.40 17.86 -10.90
CA LEU A 110 -11.28 17.64 -9.47
C LEU A 110 -12.54 17.03 -8.88
N GLY A 111 -13.69 17.55 -9.32
CA GLY A 111 -14.97 17.07 -8.83
C GLY A 111 -15.10 15.59 -9.09
N ARG A 112 -14.72 15.18 -10.30
CA ARG A 112 -14.77 13.78 -10.67
C ARG A 112 -14.02 12.88 -9.67
N TRP A 113 -12.93 13.39 -9.08
CA TRP A 113 -12.23 12.59 -8.08
C TRP A 113 -12.83 12.72 -6.70
N LEU A 114 -13.14 13.94 -6.29
CA LEU A 114 -13.70 14.14 -4.96
C LEU A 114 -15.04 13.41 -4.80
N GLN A 115 -15.73 13.18 -5.91
CA GLN A 115 -17.08 12.61 -5.91
C GLN A 115 -17.10 11.16 -6.39
N GLU A 116 -15.92 10.61 -6.66
CA GLU A 116 -15.82 9.26 -7.23
C GLU A 116 -16.70 9.10 -8.47
N GLU A 117 -16.86 10.17 -9.24
CA GLU A 117 -17.59 10.12 -10.51
C GLU A 117 -16.80 9.30 -11.52
N PRO A 118 -17.44 8.90 -12.63
CA PRO A 118 -16.79 8.02 -13.61
C PRO A 118 -15.66 8.69 -14.39
N GLY A 119 -14.61 7.94 -14.68
CA GLY A 119 -13.51 8.44 -15.48
C GLY A 119 -12.60 9.39 -14.74
N ALA A 120 -12.72 9.43 -13.43
CA ALA A 120 -11.85 10.27 -12.63
C ALA A 120 -10.42 9.76 -12.77
N PHE A 121 -9.46 10.60 -12.38
CA PHE A 121 -8.06 10.21 -12.40
C PHE A 121 -7.78 9.26 -11.25
N ASN A 122 -6.88 8.31 -11.48
CA ASN A 122 -6.50 7.33 -10.46
C ASN A 122 -5.28 7.79 -9.64
N TRP A 123 -5.53 8.28 -8.43
CA TRP A 123 -4.48 8.81 -7.58
C TRP A 123 -3.95 7.80 -6.57
N SER A 124 -4.49 6.58 -6.63
CA SER A 124 -4.23 5.58 -5.58
C SER A 124 -2.76 5.22 -5.36
N MET A 125 -1.95 5.17 -6.43
CA MET A 125 -0.52 4.94 -6.24
C MET A 125 0.08 5.97 -5.30
N TYR A 126 -0.44 7.20 -5.38
CA TYR A 126 0.05 8.33 -4.59
C TYR A 126 -0.43 8.25 -3.15
N SER A 127 -1.69 7.86 -2.95
CA SER A 127 -2.27 7.70 -1.62
C SER A 127 -1.48 6.62 -0.90
N GLN A 128 -1.23 5.54 -1.61
CA GLN A 128 -0.41 4.47 -1.09
C GLN A 128 0.97 4.97 -0.67
N HIS A 129 1.63 5.72 -1.53
CA HIS A 129 2.99 6.15 -1.21
C HIS A 129 3.05 7.16 -0.09
N ALA A 130 2.05 8.04 -0.03
CA ALA A 130 1.94 8.95 1.09
C ALA A 130 1.80 8.16 2.39
N CYS A 131 0.94 7.14 2.38
CA CYS A 131 0.79 6.26 3.55
C CYS A 131 2.12 5.55 3.88
N LEU A 132 2.81 5.07 2.85
CA LEU A 132 4.11 4.43 3.02
C LEU A 132 5.09 5.39 3.71
N ILE A 133 5.23 6.58 3.14
CA ILE A 133 6.16 7.59 3.61
C ILE A 133 5.82 8.09 5.02
N GLU A 134 4.55 8.36 5.28
CA GLU A 134 4.13 8.86 6.57
C GLU A 134 4.39 7.83 7.69
N GLY A 135 4.24 6.54 7.36
CA GLY A 135 4.59 5.48 8.29
C GLY A 135 3.77 5.44 9.57
N LYS A 136 2.46 5.60 9.44
CA LYS A 136 1.56 5.54 10.58
C LYS A 136 0.69 4.28 10.45
N GLY A 137 1.03 3.42 9.50
CA GLY A 137 0.27 2.22 9.25
C GLY A 137 -1.11 2.44 8.66
N GLU A 138 -1.35 3.61 8.08
CA GLU A 138 -2.67 3.95 7.55
C GLU A 138 -2.92 3.31 6.18
N CYS A 139 -4.11 2.74 5.99
CA CYS A 139 -4.47 2.22 4.69
C CYS A 139 -4.79 3.38 3.72
N TRP A 140 -4.46 3.21 2.46
CA TRP A 140 -4.60 4.32 1.52
C TRP A 140 -6.05 4.75 1.33
N GLN A 141 -6.99 3.84 1.58
CA GLN A 141 -8.41 4.17 1.43
C GLN A 141 -8.88 5.12 2.53
N ASP A 142 -8.28 5.03 3.71
CA ASP A 142 -8.64 5.93 4.80
C ASP A 142 -8.10 7.31 4.46
N LYS A 143 -6.90 7.33 3.90
CA LYS A 143 -6.25 8.56 3.50
C LYS A 143 -7.14 9.30 2.50
N GLU A 144 -7.58 8.62 1.45
CA GLU A 144 -8.42 9.26 0.44
C GLU A 144 -9.74 9.71 1.05
N ARG A 145 -10.30 8.86 1.88
CA ARG A 145 -11.57 9.14 2.55
C ARG A 145 -11.48 10.47 3.29
N GLN A 146 -10.41 10.63 4.07
CA GLN A 146 -10.23 11.83 4.87
C GLN A 146 -10.04 13.06 3.98
N LEU A 147 -9.24 12.91 2.92
CA LEU A 147 -9.03 14.02 1.97
C LEU A 147 -10.34 14.48 1.36
N ARG A 148 -11.07 13.54 0.76
CA ARG A 148 -12.37 13.85 0.13
C ARG A 148 -13.30 14.50 1.14
N ALA A 149 -13.21 14.05 2.38
CA ALA A 149 -14.10 14.53 3.44
C ALA A 149 -13.79 15.96 3.83
N ARG A 150 -12.51 16.31 3.81
CA ARG A 150 -12.08 17.60 4.31
C ARG A 150 -11.99 18.69 3.23
N VAL A 151 -11.94 18.30 1.96
CA VAL A 151 -12.06 19.29 0.89
C VAL A 151 -13.51 19.73 0.81
N LYS A 152 -13.80 20.93 1.31
CA LYS A 152 -15.16 21.40 1.45
C LYS A 152 -15.64 22.15 0.22
N ARG A 153 -14.70 22.60 -0.61
CA ARG A 153 -15.06 23.44 -1.73
C ARG A 153 -13.96 23.52 -2.79
N VAL A 154 -14.39 23.66 -4.04
CA VAL A 154 -13.49 23.92 -5.16
C VAL A 154 -13.84 25.26 -5.81
N LEU A 155 -13.02 26.27 -5.56
CA LEU A 155 -13.31 27.64 -5.98
C LEU A 155 -12.43 28.14 -7.11
N PRO A 156 -12.98 29.01 -7.96
CA PRO A 156 -12.23 29.77 -8.96
C PRO A 156 -11.24 30.70 -8.27
N ILE A 157 -10.17 31.05 -8.98
CA ILE A 157 -9.08 31.82 -8.41
C ILE A 157 -8.21 32.42 -9.52
N ASP A 158 -7.74 33.64 -9.31
CA ASP A 158 -6.84 34.28 -10.25
C ASP A 158 -5.78 35.03 -9.46
N VAL A 159 -4.57 34.50 -9.46
CA VAL A 159 -3.54 35.02 -8.59
C VAL A 159 -3.03 36.41 -9.04
N HIS A 160 -3.31 36.77 -10.28
CA HIS A 160 -2.94 38.09 -10.77
C HIS A 160 -3.81 39.18 -10.16
N GLN A 161 -4.89 38.79 -9.51
CA GLN A 161 -5.79 39.76 -8.85
C GLN A 161 -5.36 39.98 -7.40
N PRO A 162 -5.34 41.25 -6.96
CA PRO A 162 -5.02 41.62 -5.59
C PRO A 162 -5.83 40.84 -4.56
N GLN A 163 -7.06 40.50 -4.92
CA GLN A 163 -7.86 39.57 -4.11
C GLN A 163 -8.13 38.31 -4.92
N PRO A 164 -7.16 37.37 -4.92
CA PRO A 164 -7.12 36.20 -5.80
C PRO A 164 -8.43 35.41 -5.84
N LEU A 165 -9.12 35.34 -4.71
CA LEU A 165 -10.34 34.57 -4.59
C LEU A 165 -11.60 35.40 -4.87
N GLY A 166 -11.43 36.69 -5.06
CA GLY A 166 -12.57 37.58 -5.17
C GLY A 166 -12.95 38.17 -3.83
N ALA A 167 -14.10 38.85 -3.79
CA ALA A 167 -14.50 39.60 -2.62
C ALA A 167 -15.32 38.80 -1.59
N GLY A 168 -16.35 38.10 -2.06
CA GLY A 168 -17.28 37.43 -1.16
C GLY A 168 -17.08 35.94 -1.07
N SER A 169 -15.81 35.52 -1.05
CA SER A 169 -15.45 34.11 -1.07
C SER A 169 -16.05 33.32 0.07
N PRO A 170 -16.48 32.07 -0.22
CA PRO A 170 -16.98 31.16 0.81
C PRO A 170 -15.83 30.61 1.67
N ALA A 171 -14.61 30.63 1.13
CA ALA A 171 -13.44 30.13 1.83
C ALA A 171 -13.17 30.90 3.11
N PRO A 172 -13.02 30.18 4.23
CA PRO A 172 -12.76 30.80 5.54
C PRO A 172 -11.45 31.57 5.51
N LEU A 173 -11.51 32.90 5.63
CA LEU A 173 -10.30 33.71 5.61
C LEU A 173 -10.05 34.38 6.96
N PRO A 174 -8.77 34.54 7.34
CA PRO A 174 -7.61 34.09 6.56
C PRO A 174 -7.28 32.63 6.90
N ALA A 175 -6.69 31.93 5.95
CA ALA A 175 -6.32 30.52 6.15
C ALA A 175 -5.19 30.39 7.18
N ASP A 176 -5.17 29.28 7.88
CA ASP A 176 -4.08 28.99 8.79
C ASP A 176 -2.83 28.57 8.02
N ALA A 177 -3.04 28.07 6.80
CA ALA A 177 -1.94 27.61 5.95
C ALA A 177 -2.30 27.59 4.46
N LEU A 178 -1.27 27.76 3.62
CA LEU A 178 -1.43 27.66 2.17
C LEU A 178 -0.52 26.59 1.57
N VAL A 179 -1.03 25.91 0.54
CA VAL A 179 -0.21 25.08 -0.32
C VAL A 179 -0.36 25.55 -1.77
N SER A 180 0.72 25.53 -2.54
CA SER A 180 0.63 25.83 -3.96
C SER A 180 1.75 25.16 -4.73
N ALA A 181 1.38 24.35 -5.71
CA ALA A 181 2.36 23.59 -6.48
C ALA A 181 2.34 23.91 -7.97
N PHE A 182 3.45 24.42 -8.48
CA PHE A 182 3.64 24.57 -9.91
C PHE A 182 2.60 25.51 -10.52
N CYS A 183 2.09 26.42 -9.72
CA CYS A 183 1.17 27.44 -10.18
C CYS A 183 1.89 28.74 -10.56
N LEU A 184 2.35 29.49 -9.56
CA LEU A 184 2.89 30.83 -9.78
C LEU A 184 3.85 30.95 -10.98
N GLU A 185 4.95 30.23 -10.97
CA GLU A 185 5.94 30.35 -12.03
C GLU A 185 5.30 30.01 -13.39
N ALA A 186 4.30 29.16 -13.37
CA ALA A 186 3.64 28.71 -14.60
C ALA A 186 2.58 29.68 -15.15
N VAL A 187 2.18 30.67 -14.36
CA VAL A 187 1.19 31.65 -14.79
C VAL A 187 1.76 33.07 -14.90
N SER A 188 3.08 33.18 -14.75
CA SER A 188 3.72 34.50 -14.70
C SER A 188 4.71 34.69 -15.86
N PRO A 189 4.59 35.83 -16.56
CA PRO A 189 5.46 36.16 -17.70
C PRO A 189 6.90 36.41 -17.27
N ASP A 190 7.10 36.85 -16.04
CA ASP A 190 8.46 37.17 -15.59
C ASP A 190 8.56 37.26 -14.09
N LEU A 191 9.77 37.55 -13.63
CA LEU A 191 10.09 37.59 -12.21
C LEU A 191 9.13 38.48 -11.41
N ALA A 192 8.90 39.69 -11.90
CA ALA A 192 8.11 40.67 -11.16
C ALA A 192 6.67 40.23 -11.02
N SER A 193 6.12 39.66 -12.08
CA SER A 193 4.74 39.19 -12.03
C SER A 193 4.65 38.04 -11.01
N PHE A 194 5.69 37.21 -10.99
CA PHE A 194 5.82 36.14 -10.02
C PHE A 194 5.79 36.72 -8.61
N GLN A 195 6.58 37.78 -8.40
CA GLN A 195 6.65 38.46 -7.11
C GLN A 195 5.28 38.95 -6.66
N ARG A 196 4.58 39.65 -7.54
CA ARG A 196 3.27 40.20 -7.23
C ARG A 196 2.24 39.12 -6.88
N ALA A 197 2.20 38.06 -7.68
CA ALA A 197 1.29 36.95 -7.41
C ALA A 197 1.55 36.36 -6.01
N LEU A 198 2.82 36.20 -5.65
CA LEU A 198 3.16 35.77 -4.30
C LEU A 198 2.61 36.75 -3.26
N ASP A 199 2.74 38.04 -3.53
CA ASP A 199 2.13 39.07 -2.69
C ASP A 199 0.61 38.84 -2.61
N HIS A 200 -0.01 38.59 -3.75
CA HIS A 200 -1.45 38.43 -3.78
C HIS A 200 -1.94 37.25 -2.94
N ILE A 201 -1.33 36.08 -3.12
CA ILE A 201 -1.80 34.93 -2.37
C ILE A 201 -1.47 35.09 -0.90
N THR A 202 -0.36 35.76 -0.61
CA THR A 202 0.07 35.94 0.77
C THR A 202 -0.98 36.65 1.61
N THR A 203 -1.81 37.47 0.97
CA THR A 203 -2.83 38.22 1.70
C THR A 203 -3.92 37.29 2.26
N LEU A 204 -4.11 36.14 1.62
CA LEU A 204 -5.04 35.12 2.08
C LEU A 204 -4.50 34.37 3.29
N LEU A 205 -3.20 34.47 3.52
CA LEU A 205 -2.54 33.77 4.62
C LEU A 205 -2.48 34.61 5.90
N ARG A 206 -3.07 34.06 6.96
CA ARG A 206 -3.06 34.66 8.28
C ARG A 206 -1.63 34.83 8.79
N PRO A 207 -1.36 35.93 9.50
CA PRO A 207 -0.03 36.17 10.07
C PRO A 207 0.40 35.02 10.96
N GLY A 208 1.68 34.68 10.94
CA GLY A 208 2.16 33.50 11.63
C GLY A 208 1.75 32.23 10.90
N GLY A 209 1.04 32.38 9.78
CA GLY A 209 0.57 31.24 9.02
C GLY A 209 1.68 30.59 8.22
N HIS A 210 1.41 29.41 7.68
CA HIS A 210 2.43 28.68 6.90
C HIS A 210 2.09 28.53 5.43
N LEU A 211 3.13 28.60 4.59
CA LEU A 211 3.00 28.36 3.16
C LEU A 211 3.96 27.26 2.67
N LEU A 212 3.41 26.27 1.97
CA LEU A 212 4.22 25.25 1.33
C LEU A 212 4.18 25.49 -0.15
N LEU A 213 5.29 26.00 -0.67
CA LEU A 213 5.36 26.37 -2.08
C LEU A 213 6.24 25.36 -2.80
N ILE A 214 5.69 24.73 -3.83
CA ILE A 214 6.44 23.82 -4.68
C ILE A 214 6.37 24.32 -6.11
N GLY A 215 7.44 24.09 -6.88
CA GLY A 215 7.43 24.53 -8.26
C GLY A 215 8.68 24.16 -9.04
N ALA A 216 8.63 24.43 -10.34
CA ALA A 216 9.71 24.06 -11.23
C ALA A 216 10.84 25.09 -11.21
N LEU A 217 12.07 24.61 -11.39
CA LEU A 217 13.26 25.46 -11.41
C LEU A 217 13.76 25.63 -12.83
N GLU A 218 14.02 26.88 -13.22
CA GLU A 218 14.56 27.17 -14.53
C GLU A 218 13.74 26.56 -15.68
N GLU A 219 12.42 26.56 -15.55
CA GLU A 219 11.52 26.07 -16.60
C GLU A 219 11.04 27.25 -17.47
N SER A 220 10.88 27.03 -18.77
CA SER A 220 10.38 28.12 -19.61
C SER A 220 9.10 27.79 -20.40
N TRP A 221 8.84 26.51 -20.62
CA TRP A 221 7.59 26.08 -21.24
C TRP A 221 7.23 24.67 -20.82
N TYR A 222 5.95 24.34 -20.91
CA TYR A 222 5.50 22.96 -20.84
C TYR A 222 4.22 22.80 -21.66
N LEU A 223 3.92 21.57 -22.04
CA LEU A 223 2.78 21.30 -22.90
C LEU A 223 1.61 20.65 -22.15
N ALA A 224 0.40 20.99 -22.57
CA ALA A 224 -0.82 20.39 -22.03
C ALA A 224 -1.77 20.10 -23.18
N GLY A 225 -1.46 19.05 -23.94
CA GLY A 225 -2.22 18.73 -25.13
C GLY A 225 -1.92 19.74 -26.21
N GLU A 226 -2.95 20.48 -26.62
CA GLU A 226 -2.81 21.45 -27.70
C GLU A 226 -2.17 22.74 -27.20
N ALA A 227 -2.11 22.90 -25.89
CA ALA A 227 -1.63 24.14 -25.31
C ALA A 227 -0.14 24.10 -25.06
N ARG A 228 0.54 25.18 -25.42
CA ARG A 228 1.91 25.41 -24.98
C ARG A 228 1.92 26.59 -24.02
N LEU A 229 2.33 26.34 -22.79
CA LEU A 229 2.31 27.36 -21.74
C LEU A 229 3.68 27.94 -21.54
N THR A 230 3.72 29.25 -21.32
CA THR A 230 4.98 29.93 -21.04
C THR A 230 5.17 29.92 -19.54
N VAL A 231 6.42 29.72 -19.13
CA VAL A 231 6.79 29.66 -17.72
C VAL A 231 7.94 30.65 -17.47
N VAL A 232 7.94 31.30 -16.30
CA VAL A 232 9.13 32.09 -15.93
C VAL A 232 10.19 31.18 -15.33
N PRO A 233 11.41 31.25 -15.88
CA PRO A 233 12.51 30.46 -15.32
C PRO A 233 13.01 31.09 -14.02
N VAL A 234 12.73 30.43 -12.91
CA VAL A 234 13.24 30.91 -11.62
C VAL A 234 14.29 29.98 -11.01
N SER A 235 15.16 30.56 -10.19
CA SER A 235 16.20 29.80 -9.51
C SER A 235 15.87 29.76 -8.05
N GLU A 236 16.59 28.92 -7.31
CA GLU A 236 16.35 28.77 -5.88
C GLU A 236 16.56 30.07 -5.11
N GLU A 237 17.65 30.79 -5.40
CA GLU A 237 17.89 32.07 -4.75
C GLU A 237 16.79 33.10 -5.09
N GLU A 238 16.29 33.05 -6.31
CA GLU A 238 15.20 33.93 -6.69
C GLU A 238 13.92 33.58 -5.93
N VAL A 239 13.65 32.28 -5.76
CA VAL A 239 12.50 31.84 -4.96
C VAL A 239 12.68 32.30 -3.52
N ARG A 240 13.88 32.07 -2.96
CA ARG A 240 14.14 32.49 -1.59
C ARG A 240 13.84 33.98 -1.41
N GLU A 241 14.43 34.80 -2.26
CA GLU A 241 14.34 36.25 -2.12
C GLU A 241 12.92 36.75 -2.26
N ALA A 242 12.16 36.14 -3.17
CA ALA A 242 10.76 36.53 -3.35
C ALA A 242 9.93 36.28 -2.09
N LEU A 243 10.16 35.13 -1.46
CA LEU A 243 9.45 34.80 -0.23
C LEU A 243 9.77 35.85 0.81
N VAL A 244 11.04 36.23 0.87
CA VAL A 244 11.45 37.27 1.78
C VAL A 244 10.72 38.60 1.52
N ARG A 245 10.81 39.09 0.30
CA ARG A 245 10.18 40.35 -0.07
C ARG A 245 8.67 40.31 0.10
N SER A 246 8.12 39.12 0.29
CA SER A 246 6.69 38.95 0.51
C SER A 246 6.33 39.02 1.99
N GLY A 247 7.33 38.91 2.84
CA GLY A 247 7.13 38.95 4.27
C GLY A 247 7.19 37.58 4.91
N TYR A 248 7.88 36.65 4.24
CA TYR A 248 8.03 35.30 4.77
C TYR A 248 9.38 35.10 5.43
N LYS A 249 9.39 34.26 6.46
CA LYS A 249 10.64 33.70 6.98
C LYS A 249 10.79 32.29 6.41
N VAL A 250 11.86 32.07 5.66
CA VAL A 250 12.08 30.76 5.03
C VAL A 250 12.60 29.73 6.03
N ARG A 251 11.73 28.81 6.43
CA ARG A 251 12.10 27.75 7.35
C ARG A 251 12.89 26.66 6.63
N ASP A 252 12.55 26.43 5.37
CA ASP A 252 13.20 25.38 4.60
C ASP A 252 13.04 25.55 3.10
N LEU A 253 14.14 25.36 2.39
CA LEU A 253 14.12 25.41 0.93
C LEU A 253 15.05 24.31 0.41
N ARG A 254 14.49 23.37 -0.34
CA ARG A 254 15.26 22.25 -0.89
C ARG A 254 15.11 22.16 -2.40
N THR A 255 16.07 21.50 -3.04
CA THR A 255 16.05 21.32 -4.49
C THR A 255 16.19 19.86 -4.93
N TYR A 256 15.45 19.52 -5.97
CA TYR A 256 15.55 18.23 -6.61
C TYR A 256 15.98 18.48 -8.05
N ILE A 257 17.07 17.85 -8.48
CA ILE A 257 17.53 17.99 -9.87
C ILE A 257 16.92 16.94 -10.79
N MET A 258 16.30 17.39 -11.88
CA MET A 258 15.54 16.50 -12.75
C MET A 258 16.45 15.52 -13.51
N PRO A 259 16.42 14.24 -13.14
CA PRO A 259 17.33 13.35 -13.87
C PRO A 259 16.96 13.27 -15.36
N ALA A 260 17.94 12.92 -16.17
CA ALA A 260 17.76 12.78 -17.62
C ALA A 260 16.54 11.97 -18.00
N HIS A 261 16.37 10.81 -17.36
CA HIS A 261 15.31 9.89 -17.76
C HIS A 261 13.90 10.43 -17.48
N LEU A 262 13.82 11.58 -16.81
CA LEU A 262 12.52 12.18 -16.53
C LEU A 262 12.37 13.52 -17.26
N GLN A 263 13.32 13.76 -18.17
CA GLN A 263 13.23 14.86 -19.11
C GLN A 263 12.65 14.29 -20.41
N THR A 264 11.33 14.40 -20.54
CA THR A 264 10.59 13.58 -21.48
C THR A 264 9.95 14.29 -22.65
N GLY A 265 10.40 15.51 -22.96
CA GLY A 265 9.83 16.22 -24.08
C GLY A 265 8.56 17.01 -23.78
N VAL A 266 7.97 16.81 -22.60
CA VAL A 266 6.76 17.53 -22.25
C VAL A 266 7.04 18.91 -21.66
N ASP A 267 8.32 19.20 -21.42
CA ASP A 267 8.71 20.50 -20.90
C ASP A 267 10.22 20.62 -20.85
N ASP A 268 10.70 21.66 -20.18
CA ASP A 268 12.12 21.81 -20.00
C ASP A 268 12.48 22.14 -18.56
N VAL A 269 11.74 21.57 -17.60
CA VAL A 269 12.08 21.86 -16.21
C VAL A 269 13.44 21.25 -15.88
N LYS A 270 14.29 21.99 -15.18
CA LYS A 270 15.64 21.51 -14.88
C LYS A 270 15.67 20.87 -13.51
N GLY A 271 14.82 21.36 -12.62
CA GLY A 271 14.75 20.86 -11.26
C GLY A 271 13.45 21.27 -10.60
N VAL A 272 13.28 20.88 -9.35
CA VAL A 272 12.10 21.23 -8.59
C VAL A 272 12.55 21.78 -7.25
N PHE A 273 11.93 22.89 -6.81
CA PHE A 273 12.23 23.42 -5.50
C PHE A 273 11.06 23.16 -4.55
N PHE A 274 11.37 23.03 -3.27
CA PHE A 274 10.32 22.99 -2.26
C PHE A 274 10.62 24.02 -1.18
N ALA A 275 9.64 24.86 -0.88
CA ALA A 275 9.84 25.88 0.15
C ALA A 275 8.80 25.80 1.27
N TRP A 276 9.30 25.68 2.50
CA TRP A 276 8.45 25.85 3.66
C TRP A 276 8.70 27.26 4.21
N ALA A 277 7.67 28.09 4.18
CA ALA A 277 7.84 29.48 4.60
C ALA A 277 6.75 29.85 5.60
N GLN A 278 7.05 30.82 6.46
CA GLN A 278 6.13 31.26 7.52
C GLN A 278 5.96 32.77 7.50
N LYS A 279 4.74 33.22 7.26
CA LYS A 279 4.42 34.65 7.28
C LYS A 279 4.79 35.24 8.63
N VAL A 280 5.66 36.25 8.63
CA VAL A 280 6.07 36.89 9.88
C VAL A 280 4.88 37.51 10.62
N PRO B 14 -5.58 -45.81 15.32
CA PRO B 14 -5.61 -47.25 15.00
C PRO B 14 -5.51 -47.54 13.50
N ASP B 15 -6.00 -46.61 12.68
CA ASP B 15 -6.08 -46.81 11.22
C ASP B 15 -6.50 -45.52 10.55
N SER B 16 -5.59 -44.88 9.82
CA SER B 16 -5.84 -43.52 9.35
C SER B 16 -6.63 -43.39 8.03
N ALA B 17 -6.64 -44.45 7.22
CA ALA B 17 -7.24 -44.39 5.89
C ALA B 17 -8.67 -43.80 5.81
N PRO B 18 -9.59 -44.28 6.65
CA PRO B 18 -10.98 -43.84 6.49
C PRO B 18 -11.13 -42.32 6.58
N GLY B 19 -10.69 -41.74 7.69
CA GLY B 19 -10.78 -40.30 7.86
C GLY B 19 -10.10 -39.53 6.74
N GLN B 20 -8.88 -39.94 6.43
CA GLN B 20 -8.15 -39.33 5.33
C GLN B 20 -9.01 -39.41 4.07
N ALA B 21 -9.74 -40.51 3.93
CA ALA B 21 -10.52 -40.74 2.73
C ALA B 21 -11.71 -39.80 2.70
N ALA B 22 -12.31 -39.58 3.86
CA ALA B 22 -13.42 -38.65 4.00
C ALA B 22 -12.95 -37.26 3.55
N VAL B 23 -11.76 -36.91 4.04
CA VAL B 23 -11.16 -35.60 3.80
C VAL B 23 -10.97 -35.33 2.31
N ALA B 24 -10.23 -36.21 1.64
CA ALA B 24 -10.05 -36.10 0.20
C ALA B 24 -11.39 -35.99 -0.52
N SER B 25 -12.35 -36.79 -0.08
CA SER B 25 -13.68 -36.80 -0.67
C SER B 25 -14.27 -35.40 -0.57
N ALA B 26 -14.22 -34.83 0.62
CA ALA B 26 -14.80 -33.52 0.84
C ALA B 26 -14.14 -32.47 -0.05
N TYR B 27 -12.82 -32.53 -0.17
CA TYR B 27 -12.08 -31.47 -0.84
C TYR B 27 -12.32 -31.45 -2.35
N GLN B 28 -12.89 -32.54 -2.87
CA GLN B 28 -13.24 -32.57 -4.29
C GLN B 28 -14.32 -31.54 -4.59
N ARG B 29 -14.99 -31.03 -3.56
CA ARG B 29 -15.98 -29.97 -3.75
C ARG B 29 -15.49 -28.56 -3.36
N PHE B 30 -14.27 -28.46 -2.86
CA PHE B 30 -13.66 -27.18 -2.49
C PHE B 30 -13.63 -26.25 -3.69
N GLU B 31 -14.25 -25.08 -3.57
CA GLU B 31 -14.29 -24.07 -4.66
C GLU B 31 -13.37 -22.89 -4.36
N PRO B 32 -12.20 -22.86 -5.02
CA PRO B 32 -11.18 -21.84 -4.69
C PRO B 32 -11.75 -20.43 -4.68
N ARG B 33 -12.57 -20.07 -5.66
CA ARG B 33 -13.11 -18.72 -5.69
C ARG B 33 -13.97 -18.40 -4.48
N ALA B 34 -14.78 -19.35 -4.06
CA ALA B 34 -15.63 -19.12 -2.90
C ALA B 34 -14.80 -18.97 -1.63
N TYR B 35 -13.75 -19.78 -1.52
CA TYR B 35 -12.86 -19.73 -0.36
C TYR B 35 -12.16 -18.38 -0.29
N LEU B 36 -11.65 -17.94 -1.44
CA LEU B 36 -10.97 -16.65 -1.53
C LEU B 36 -11.91 -15.55 -1.07
N ARG B 37 -13.14 -15.59 -1.58
CA ARG B 37 -14.13 -14.60 -1.21
C ARG B 37 -14.44 -14.66 0.29
N ASN B 38 -14.71 -15.87 0.80
CA ASN B 38 -15.09 -16.05 2.20
C ASN B 38 -14.05 -15.59 3.22
N ASN B 39 -12.78 -15.73 2.89
CA ASN B 39 -11.68 -15.52 3.84
C ASN B 39 -10.76 -14.34 3.54
N TYR B 40 -10.69 -13.88 2.29
CA TYR B 40 -9.73 -12.85 1.94
C TYR B 40 -10.30 -11.60 1.29
N ALA B 41 -11.57 -11.67 0.89
CA ALA B 41 -12.34 -10.48 0.55
C ALA B 41 -12.94 -9.89 1.83
N PRO B 42 -13.32 -8.61 1.81
CA PRO B 42 -13.87 -8.00 3.02
C PRO B 42 -15.12 -8.76 3.44
N PRO B 43 -15.49 -8.74 4.73
CA PRO B 43 -14.93 -8.00 5.87
C PRO B 43 -13.58 -8.51 6.39
N ARG B 44 -13.27 -9.78 6.14
CA ARG B 44 -12.01 -10.35 6.63
C ARG B 44 -10.83 -9.86 5.83
N GLY B 45 -11.08 -9.51 4.57
CA GLY B 45 -10.03 -8.96 3.72
C GLY B 45 -9.88 -7.46 3.88
N ASP B 46 -10.61 -6.88 4.82
CA ASP B 46 -10.55 -5.45 5.05
C ASP B 46 -9.30 -5.13 5.83
N LEU B 47 -8.31 -4.57 5.12
CA LEU B 47 -7.01 -4.37 5.73
C LEU B 47 -6.86 -3.02 6.43
N CYS B 48 -7.88 -2.17 6.31
CA CYS B 48 -7.88 -0.88 6.96
C CYS B 48 -8.05 -0.96 8.48
N ASN B 49 -8.88 -1.89 8.93
CA ASN B 49 -9.07 -2.08 10.37
C ASN B 49 -7.95 -2.91 10.99
N PRO B 50 -7.08 -2.26 11.78
CA PRO B 50 -5.89 -2.94 12.28
C PRO B 50 -6.24 -3.99 13.34
N ASN B 51 -7.47 -3.93 13.84
CA ASN B 51 -7.93 -4.94 14.80
C ASN B 51 -8.45 -6.19 14.09
N GLY B 52 -8.42 -6.16 12.76
CA GLY B 52 -9.02 -7.21 11.96
C GLY B 52 -8.04 -8.35 11.80
N VAL B 53 -8.54 -9.51 11.39
CA VAL B 53 -7.72 -10.70 11.31
C VAL B 53 -6.70 -10.57 10.20
N GLY B 54 -7.10 -9.94 9.10
CA GLY B 54 -6.19 -9.73 7.99
C GLY B 54 -4.87 -9.09 8.41
N PRO B 55 -4.94 -7.88 8.99
CA PRO B 55 -3.72 -7.20 9.47
C PRO B 55 -2.92 -8.02 10.48
N TRP B 56 -3.58 -8.74 11.38
CA TRP B 56 -2.88 -9.59 12.35
C TRP B 56 -2.03 -10.67 11.67
N LYS B 57 -2.60 -11.38 10.69
CA LYS B 57 -1.85 -12.42 9.98
C LYS B 57 -0.54 -11.83 9.41
N LEU B 58 -0.69 -10.74 8.66
CA LEU B 58 0.46 -10.08 8.03
C LEU B 58 1.47 -9.61 9.08
N ARG B 59 0.97 -9.01 10.14
CA ARG B 59 1.83 -8.52 11.22
C ARG B 59 2.66 -9.66 11.83
N CYS B 60 2.02 -10.78 12.14
CA CYS B 60 2.75 -11.93 12.68
C CYS B 60 3.90 -12.32 11.75
N LEU B 61 3.62 -12.35 10.45
CA LEU B 61 4.62 -12.74 9.48
C LEU B 61 5.75 -11.72 9.38
N ALA B 62 5.40 -10.46 9.25
CA ALA B 62 6.40 -9.42 9.01
C ALA B 62 7.34 -9.30 10.18
N GLN B 63 6.79 -9.22 11.39
CA GLN B 63 7.60 -9.12 12.60
C GLN B 63 8.57 -10.29 12.71
N THR B 64 8.15 -11.50 12.34
CA THR B 64 9.03 -12.64 12.53
C THR B 64 10.23 -12.54 11.61
N PHE B 65 9.97 -12.22 10.35
CA PHE B 65 11.04 -12.08 9.37
C PHE B 65 11.89 -10.86 9.68
N ALA B 66 11.28 -9.84 10.27
CA ALA B 66 11.99 -8.64 10.70
C ALA B 66 13.11 -8.89 11.72
N THR B 67 13.04 -10.00 12.46
CA THR B 67 14.09 -10.31 13.42
C THR B 67 15.41 -10.64 12.74
N GLY B 68 15.36 -10.91 11.44
CA GLY B 68 16.50 -11.44 10.71
C GLY B 68 16.84 -12.87 11.10
N GLU B 69 16.07 -13.43 12.03
CA GLU B 69 16.39 -14.75 12.57
C GLU B 69 15.91 -15.93 11.71
N VAL B 70 15.03 -15.65 10.76
CA VAL B 70 14.54 -16.70 9.89
C VAL B 70 14.97 -16.44 8.46
N SER B 71 16.03 -17.11 8.03
CA SER B 71 16.54 -16.90 6.68
C SER B 71 17.22 -18.15 6.16
N GLY B 72 17.64 -18.11 4.91
CA GLY B 72 18.25 -19.26 4.28
C GLY B 72 18.00 -19.22 2.79
N ARG B 73 18.19 -20.37 2.13
CA ARG B 73 18.06 -20.40 0.69
C ARG B 73 16.68 -20.87 0.28
N THR B 74 16.19 -21.92 0.94
CA THR B 74 15.00 -22.61 0.48
C THR B 74 13.83 -22.60 1.45
N LEU B 75 12.66 -22.34 0.90
CA LEU B 75 11.44 -22.30 1.69
C LEU B 75 10.38 -23.16 1.03
N ILE B 76 9.61 -23.86 1.84
CA ILE B 76 8.46 -24.60 1.32
C ILE B 76 7.21 -24.18 2.06
N ASP B 77 6.20 -23.76 1.29
CA ASP B 77 4.89 -23.40 1.85
C ASP B 77 3.97 -24.60 1.75
N ILE B 78 3.46 -25.06 2.90
CA ILE B 78 2.67 -26.29 3.03
C ILE B 78 1.17 -25.99 3.00
N GLY B 79 0.46 -26.50 2.00
CA GLY B 79 -0.96 -26.26 1.88
C GLY B 79 -1.30 -24.83 1.47
N SER B 80 -0.66 -24.35 0.41
CA SER B 80 -0.81 -22.95 0.03
C SER B 80 -2.26 -22.63 -0.33
N GLY B 81 -2.94 -23.60 -0.94
CA GLY B 81 -4.26 -23.34 -1.47
C GLY B 81 -4.17 -22.23 -2.51
N PRO B 82 -5.20 -21.40 -2.60
CA PRO B 82 -5.17 -20.38 -3.64
C PRO B 82 -4.63 -19.05 -3.14
N THR B 83 -3.86 -19.05 -2.04
CA THR B 83 -3.42 -17.79 -1.43
C THR B 83 -1.91 -17.57 -1.46
N VAL B 84 -1.51 -16.30 -1.49
CA VAL B 84 -0.09 -15.94 -1.53
C VAL B 84 0.32 -14.98 -0.40
N TYR B 85 -0.68 -14.36 0.22
CA TYR B 85 -0.40 -13.43 1.32
C TYR B 85 0.61 -14.01 2.31
N GLN B 86 0.60 -15.33 2.51
CA GLN B 86 1.46 -15.98 3.50
C GLN B 86 2.94 -15.93 3.13
N LEU B 87 3.26 -15.42 1.94
CA LEU B 87 4.64 -15.39 1.46
C LEU B 87 5.14 -13.95 1.19
N LEU B 88 4.28 -12.96 1.41
CA LEU B 88 4.64 -11.58 1.10
C LEU B 88 5.87 -11.08 1.89
N SER B 89 5.90 -11.34 3.21
CA SER B 89 7.09 -10.98 4.00
C SER B 89 8.23 -11.99 3.88
N ALA B 90 7.90 -13.24 3.57
CA ALA B 90 8.93 -14.29 3.46
C ALA B 90 9.82 -14.14 2.23
N CYS B 91 9.27 -13.62 1.15
CA CYS B 91 9.94 -13.70 -0.15
C CYS B 91 11.22 -12.90 -0.28
N SER B 92 11.41 -11.91 0.59
CA SER B 92 12.69 -11.18 0.61
C SER B 92 13.78 -11.92 1.40
N HIS B 93 13.42 -13.05 2.00
CA HIS B 93 14.36 -13.78 2.83
C HIS B 93 14.77 -15.13 2.27
N PHE B 94 14.08 -15.57 1.22
CA PHE B 94 14.41 -16.86 0.58
C PHE B 94 14.38 -16.73 -0.93
N GLU B 95 15.41 -17.21 -1.59
CA GLU B 95 15.50 -17.06 -3.05
C GLU B 95 14.85 -18.21 -3.80
N ASP B 96 14.62 -19.32 -3.11
CA ASP B 96 13.92 -20.46 -3.71
C ASP B 96 12.72 -20.86 -2.86
N ILE B 97 11.54 -20.67 -3.43
CA ILE B 97 10.31 -20.91 -2.71
C ILE B 97 9.47 -21.95 -3.45
N THR B 98 9.12 -23.01 -2.75
CA THR B 98 8.21 -24.03 -3.25
C THR B 98 6.81 -23.79 -2.69
N MET B 99 5.80 -23.77 -3.57
CA MET B 99 4.41 -23.66 -3.14
C MET B 99 3.78 -25.02 -3.36
N THR B 100 2.67 -25.28 -2.67
CA THR B 100 2.12 -26.63 -2.68
C THR B 100 0.63 -26.65 -2.37
N ASP B 101 -0.07 -27.60 -3.00
CA ASP B 101 -1.41 -27.94 -2.55
C ASP B 101 -1.88 -29.31 -3.02
N PHE B 102 -2.84 -29.86 -2.27
CA PHE B 102 -3.47 -31.12 -2.60
C PHE B 102 -4.32 -31.01 -3.87
N LEU B 103 -4.94 -29.86 -4.08
CA LEU B 103 -5.94 -29.68 -5.14
C LEU B 103 -5.40 -28.99 -6.39
N GLU B 104 -5.54 -29.64 -7.54
CA GLU B 104 -5.08 -29.04 -8.77
C GLU B 104 -5.71 -27.68 -9.00
N VAL B 105 -7.01 -27.56 -8.69
CA VAL B 105 -7.71 -26.32 -8.96
C VAL B 105 -7.05 -25.17 -8.21
N ASN B 106 -6.60 -25.44 -6.98
CA ASN B 106 -5.89 -24.41 -6.22
C ASN B 106 -4.56 -24.07 -6.88
N ARG B 107 -3.86 -25.11 -7.35
CA ARG B 107 -2.61 -24.91 -8.03
C ARG B 107 -2.83 -24.08 -9.31
N GLN B 108 -3.96 -24.32 -9.99
CA GLN B 108 -4.31 -23.54 -11.19
C GLN B 108 -4.52 -22.08 -10.84
N GLU B 109 -5.15 -21.85 -9.68
CA GLU B 109 -5.32 -20.48 -9.21
C GLU B 109 -3.97 -19.78 -9.02
N LEU B 110 -3.05 -20.43 -8.33
CA LEU B 110 -1.71 -19.87 -8.19
C LEU B 110 -1.08 -19.57 -9.55
N GLY B 111 -1.20 -20.53 -10.46
CA GLY B 111 -0.67 -20.39 -11.80
C GLY B 111 -1.19 -19.13 -12.48
N ARG B 112 -2.39 -18.71 -12.09
CA ARG B 112 -3.02 -17.58 -12.71
C ARG B 112 -2.42 -16.32 -12.13
N TRP B 113 -2.11 -16.35 -10.85
CA TRP B 113 -1.49 -15.20 -10.23
C TRP B 113 -0.05 -15.09 -10.72
N LEU B 114 0.65 -16.21 -10.78
CA LEU B 114 2.03 -16.21 -11.24
C LEU B 114 2.17 -15.59 -12.62
N GLN B 115 1.24 -15.90 -13.52
CA GLN B 115 1.28 -15.35 -14.88
C GLN B 115 0.73 -13.95 -14.92
N GLU B 116 0.33 -13.43 -13.77
CA GLU B 116 -0.16 -12.07 -13.69
C GLU B 116 -1.36 -11.86 -14.58
N GLU B 117 -2.25 -12.83 -14.64
CA GLU B 117 -3.47 -12.67 -15.41
C GLU B 117 -4.50 -11.86 -14.65
N PRO B 118 -5.37 -11.13 -15.38
CA PRO B 118 -6.46 -10.35 -14.80
C PRO B 118 -7.49 -11.27 -14.16
N GLY B 119 -7.70 -12.43 -14.75
CA GLY B 119 -8.62 -13.41 -14.21
C GLY B 119 -8.24 -13.78 -12.79
N ALA B 120 -7.00 -13.48 -12.39
CA ALA B 120 -6.46 -13.93 -11.11
C ALA B 120 -7.07 -13.19 -9.92
N PHE B 121 -7.03 -13.82 -8.76
CA PHE B 121 -7.40 -13.10 -7.56
C PHE B 121 -6.42 -11.95 -7.42
N ASN B 122 -6.94 -10.81 -6.99
CA ASN B 122 -6.15 -9.62 -6.81
C ASN B 122 -5.66 -9.47 -5.39
N TRP B 123 -4.36 -9.67 -5.19
CA TRP B 123 -3.75 -9.62 -3.87
C TRP B 123 -3.07 -8.30 -3.52
N SER B 124 -3.20 -7.29 -4.38
CA SER B 124 -2.41 -6.05 -4.22
C SER B 124 -2.67 -5.26 -2.91
N MET B 125 -3.88 -5.33 -2.37
CA MET B 125 -4.16 -4.74 -1.05
C MET B 125 -3.23 -5.38 -0.01
N TYR B 126 -3.07 -6.69 -0.10
CA TYR B 126 -2.20 -7.44 0.80
C TYR B 126 -0.73 -7.04 0.60
N SER B 127 -0.29 -7.02 -0.66
CA SER B 127 1.07 -6.60 -0.98
C SER B 127 1.35 -5.21 -0.42
N GLN B 128 0.43 -4.30 -0.70
CA GLN B 128 0.55 -2.94 -0.19
C GLN B 128 0.70 -2.98 1.32
N HIS B 129 -0.27 -3.58 1.99
CA HIS B 129 -0.25 -3.59 3.45
C HIS B 129 1.05 -4.19 3.96
N ALA B 130 1.53 -5.23 3.31
CA ALA B 130 2.79 -5.84 3.75
C ALA B 130 3.93 -4.83 3.61
N CYS B 131 3.94 -4.14 2.47
CA CYS B 131 4.94 -3.10 2.24
C CYS B 131 4.83 -2.03 3.32
N LEU B 132 3.59 -1.71 3.68
CA LEU B 132 3.31 -0.69 4.68
C LEU B 132 3.89 -1.03 6.05
N ILE B 133 3.76 -2.29 6.48
CA ILE B 133 4.16 -2.61 7.85
C ILE B 133 5.60 -3.11 7.96
N GLU B 134 6.18 -3.55 6.84
CA GLU B 134 7.61 -3.85 6.83
C GLU B 134 8.44 -2.56 6.95
N GLY B 135 7.83 -1.43 6.60
CA GLY B 135 8.44 -0.14 6.82
C GLY B 135 9.72 0.19 6.07
N LYS B 136 9.88 -0.32 4.86
CA LYS B 136 11.09 -0.07 4.08
C LYS B 136 10.81 0.79 2.85
N GLY B 137 9.58 1.27 2.74
CA GLY B 137 9.18 2.09 1.61
C GLY B 137 9.14 1.35 0.29
N GLU B 138 9.09 0.03 0.33
CA GLU B 138 9.00 -0.76 -0.89
C GLU B 138 7.62 -0.57 -1.49
N CYS B 139 7.55 -0.38 -2.81
CA CYS B 139 6.26 -0.28 -3.45
C CYS B 139 5.73 -1.70 -3.64
N TRP B 140 4.41 -1.85 -3.77
CA TRP B 140 3.82 -3.19 -3.80
C TRP B 140 4.10 -3.98 -5.08
N GLN B 141 4.30 -3.28 -6.20
CA GLN B 141 4.61 -3.94 -7.47
C GLN B 141 5.99 -4.60 -7.44
N ASP B 142 6.91 -4.03 -6.67
CA ASP B 142 8.23 -4.64 -6.51
C ASP B 142 8.14 -5.85 -5.60
N LYS B 143 7.30 -5.72 -4.56
CA LYS B 143 7.02 -6.82 -3.63
C LYS B 143 6.49 -8.01 -4.43
N GLU B 144 5.46 -7.78 -5.26
CA GLU B 144 4.89 -8.85 -6.07
C GLU B 144 5.89 -9.43 -7.07
N ARG B 145 6.68 -8.57 -7.70
CA ARG B 145 7.60 -9.03 -8.72
C ARG B 145 8.62 -9.99 -8.10
N GLN B 146 9.01 -9.70 -6.86
CA GLN B 146 9.98 -10.53 -6.16
C GLN B 146 9.38 -11.88 -5.77
N LEU B 147 8.12 -11.86 -5.35
CA LEU B 147 7.45 -13.11 -4.99
C LEU B 147 7.35 -14.00 -6.22
N ARG B 148 6.89 -13.43 -7.33
CA ARG B 148 6.76 -14.16 -8.58
C ARG B 148 8.09 -14.76 -9.02
N ALA B 149 9.18 -14.02 -8.82
CA ALA B 149 10.47 -14.46 -9.31
C ALA B 149 10.99 -15.60 -8.45
N ARG B 150 10.65 -15.57 -7.17
CA ARG B 150 11.24 -16.51 -6.25
C ARG B 150 10.48 -17.85 -6.10
N VAL B 151 9.22 -17.87 -6.51
CA VAL B 151 8.47 -19.14 -6.50
C VAL B 151 8.99 -20.03 -7.62
N LYS B 152 9.81 -21.00 -7.25
CA LYS B 152 10.46 -21.87 -8.23
C LYS B 152 9.59 -23.01 -8.73
N ARG B 153 8.54 -23.36 -7.97
CA ARG B 153 7.68 -24.49 -8.32
C ARG B 153 6.39 -24.54 -7.50
N VAL B 154 5.35 -25.12 -8.08
CA VAL B 154 4.07 -25.35 -7.40
C VAL B 154 3.74 -26.84 -7.48
N LEU B 155 3.76 -27.52 -6.33
CA LEU B 155 3.71 -28.98 -6.32
C LEU B 155 2.49 -29.54 -5.62
N PRO B 156 2.06 -30.73 -6.05
CA PRO B 156 1.03 -31.48 -5.34
C PRO B 156 1.59 -31.87 -3.99
N ILE B 157 0.75 -31.96 -2.99
CA ILE B 157 1.19 -32.35 -1.66
C ILE B 157 0.07 -33.06 -0.89
N ASP B 158 0.45 -34.07 -0.11
CA ASP B 158 -0.50 -34.73 0.78
C ASP B 158 0.17 -34.95 2.14
N VAL B 159 -0.18 -34.13 3.12
CA VAL B 159 0.48 -34.15 4.42
C VAL B 159 0.24 -35.43 5.21
N HIS B 160 -0.72 -36.24 4.77
CA HIS B 160 -1.00 -37.48 5.48
C HIS B 160 -0.03 -38.58 5.08
N GLN B 161 0.66 -38.39 3.95
CA GLN B 161 1.70 -39.30 3.53
C GLN B 161 2.97 -39.04 4.33
N PRO B 162 3.68 -40.12 4.70
CA PRO B 162 4.96 -40.05 5.42
C PRO B 162 5.94 -39.17 4.68
N GLN B 163 5.89 -39.23 3.35
CA GLN B 163 6.61 -38.30 2.49
C GLN B 163 5.59 -37.44 1.75
N PRO B 164 5.26 -36.28 2.33
CA PRO B 164 4.15 -35.43 1.87
C PRO B 164 4.29 -35.00 0.40
N LEU B 165 5.51 -34.79 -0.06
CA LEU B 165 5.75 -34.35 -1.43
C LEU B 165 5.92 -35.53 -2.36
N GLY B 166 6.05 -36.72 -1.77
CA GLY B 166 6.20 -37.94 -2.55
C GLY B 166 7.63 -38.42 -2.61
N ALA B 167 7.87 -39.47 -3.41
CA ALA B 167 9.22 -39.96 -3.63
C ALA B 167 9.87 -39.21 -4.78
N GLY B 168 11.14 -38.87 -4.59
CA GLY B 168 11.94 -38.19 -5.60
C GLY B 168 11.41 -36.83 -6.06
N SER B 169 10.93 -36.03 -5.11
CA SER B 169 10.34 -34.73 -5.44
C SER B 169 11.37 -33.78 -6.04
N PRO B 170 10.89 -32.74 -6.73
CA PRO B 170 11.73 -31.66 -7.25
C PRO B 170 12.22 -30.76 -6.13
N ALA B 171 11.46 -30.72 -5.03
CA ALA B 171 11.76 -29.77 -3.97
C ALA B 171 13.16 -29.97 -3.40
N PRO B 172 13.90 -28.86 -3.27
CA PRO B 172 15.18 -28.93 -2.59
C PRO B 172 14.94 -29.34 -1.14
N LEU B 173 15.36 -30.55 -0.78
CA LEU B 173 15.20 -31.02 0.60
C LEU B 173 16.53 -31.33 1.23
N PRO B 174 16.64 -31.05 2.55
CA PRO B 174 15.56 -30.47 3.32
C PRO B 174 15.56 -28.95 3.23
N ALA B 175 14.40 -28.33 3.38
CA ALA B 175 14.26 -26.88 3.28
C ALA B 175 14.90 -26.19 4.48
N ASP B 176 15.25 -24.92 4.31
CA ASP B 176 15.70 -24.10 5.43
C ASP B 176 14.52 -23.61 6.28
N ALA B 177 13.34 -23.50 5.68
CA ALA B 177 12.16 -23.08 6.42
C ALA B 177 10.84 -23.58 5.82
N LEU B 178 9.83 -23.70 6.67
CA LEU B 178 8.48 -24.01 6.22
C LEU B 178 7.53 -22.89 6.64
N VAL B 179 6.59 -22.59 5.76
CA VAL B 179 5.38 -21.87 6.11
C VAL B 179 4.18 -22.83 5.90
N SER B 180 3.15 -22.69 6.71
CA SER B 180 1.93 -23.47 6.49
C SER B 180 0.78 -22.78 7.20
N ALA B 181 -0.24 -22.40 6.45
CA ALA B 181 -1.31 -21.56 6.99
C ALA B 181 -2.68 -22.18 6.78
N PHE B 182 -3.36 -22.45 7.90
CA PHE B 182 -4.69 -23.03 7.87
C PHE B 182 -4.81 -24.32 7.07
N CYS B 183 -3.76 -25.14 7.12
CA CYS B 183 -3.75 -26.40 6.42
C CYS B 183 -4.01 -27.59 7.35
N LEU B 184 -3.03 -27.87 8.21
CA LEU B 184 -3.07 -29.07 9.04
C LEU B 184 -4.44 -29.34 9.66
N GLU B 185 -4.96 -28.37 10.43
CA GLU B 185 -6.24 -28.54 11.10
C GLU B 185 -7.41 -28.65 10.12
N ALA B 186 -7.28 -28.06 8.95
CA ALA B 186 -8.34 -28.11 7.96
C ALA B 186 -8.44 -29.46 7.25
N VAL B 187 -7.45 -30.33 7.42
CA VAL B 187 -7.42 -31.59 6.68
C VAL B 187 -7.21 -32.80 7.59
N SER B 188 -7.22 -32.56 8.89
CA SER B 188 -7.00 -33.61 9.86
C SER B 188 -8.29 -33.87 10.65
N PRO B 189 -8.83 -35.09 10.54
CA PRO B 189 -10.08 -35.49 11.21
C PRO B 189 -10.00 -35.36 12.72
N ASP B 190 -8.81 -35.55 13.27
CA ASP B 190 -8.63 -35.49 14.72
C ASP B 190 -7.20 -35.13 15.12
N LEU B 191 -6.98 -35.00 16.42
CA LEU B 191 -5.70 -34.52 16.92
C LEU B 191 -4.54 -35.43 16.54
N ALA B 192 -4.77 -36.74 16.58
CA ALA B 192 -3.71 -37.70 16.29
C ALA B 192 -3.33 -37.60 14.83
N SER B 193 -4.32 -37.29 13.99
CA SER B 193 -4.07 -37.05 12.58
C SER B 193 -3.26 -35.76 12.39
N PHE B 194 -3.70 -34.69 13.05
CA PHE B 194 -2.96 -33.44 13.09
C PHE B 194 -1.48 -33.68 13.42
N GLN B 195 -1.24 -34.28 14.59
CA GLN B 195 0.11 -34.62 15.05
C GLN B 195 0.90 -35.40 13.99
N ARG B 196 0.28 -36.43 13.41
CA ARG B 196 0.98 -37.19 12.37
C ARG B 196 1.32 -36.32 11.18
N ALA B 197 0.41 -35.44 10.77
CA ALA B 197 0.66 -34.55 9.63
C ALA B 197 1.81 -33.63 9.97
N LEU B 198 1.81 -33.13 11.20
CA LEU B 198 2.89 -32.27 11.65
C LEU B 198 4.22 -33.02 11.60
N ASP B 199 4.21 -34.29 12.01
CA ASP B 199 5.41 -35.14 11.94
C ASP B 199 5.86 -35.28 10.50
N HIS B 200 4.90 -35.51 9.59
CA HIS B 200 5.21 -35.70 8.18
C HIS B 200 5.92 -34.49 7.54
N ILE B 201 5.38 -33.29 7.73
CA ILE B 201 5.98 -32.11 7.11
C ILE B 201 7.31 -31.75 7.75
N THR B 202 7.50 -32.20 8.98
CA THR B 202 8.71 -31.90 9.73
C THR B 202 9.95 -32.59 9.14
N THR B 203 9.72 -33.69 8.42
CA THR B 203 10.83 -34.39 7.77
C THR B 203 11.40 -33.57 6.61
N LEU B 204 10.62 -32.62 6.09
CA LEU B 204 11.06 -31.79 4.96
C LEU B 204 11.93 -30.61 5.39
N LEU B 205 12.09 -30.43 6.70
CA LEU B 205 12.83 -29.28 7.24
C LEU B 205 14.15 -29.74 7.84
N ARG B 206 15.20 -28.93 7.66
CA ARG B 206 16.50 -29.28 8.21
C ARG B 206 16.50 -28.98 9.70
N PRO B 207 17.35 -29.69 10.45
CA PRO B 207 17.49 -29.39 11.89
C PRO B 207 17.99 -27.96 12.03
N GLY B 208 17.46 -27.21 12.99
CA GLY B 208 17.85 -25.82 13.16
C GLY B 208 17.04 -24.87 12.29
N GLY B 209 16.19 -25.44 11.44
CA GLY B 209 15.32 -24.66 10.56
C GLY B 209 14.06 -24.18 11.26
N HIS B 210 13.29 -23.32 10.58
CA HIS B 210 12.10 -22.73 11.20
C HIS B 210 10.77 -23.09 10.54
N LEU B 211 9.74 -23.22 11.36
CA LEU B 211 8.39 -23.44 10.88
C LEU B 211 7.50 -22.30 11.36
N LEU B 212 6.83 -21.64 10.43
CA LEU B 212 5.85 -20.64 10.79
C LEU B 212 4.49 -21.24 10.54
N LEU B 213 3.80 -21.57 11.63
CA LEU B 213 2.50 -22.20 11.56
C LEU B 213 1.41 -21.23 11.98
N ILE B 214 0.44 -21.00 11.09
CA ILE B 214 -0.73 -20.21 11.40
C ILE B 214 -1.93 -21.09 11.24
N GLY B 215 -2.95 -20.92 12.08
CA GLY B 215 -4.12 -21.77 11.95
C GLY B 215 -5.31 -21.33 12.79
N ALA B 216 -6.46 -21.95 12.51
CA ALA B 216 -7.68 -21.70 13.24
C ALA B 216 -7.70 -22.41 14.59
N LEU B 217 -8.25 -21.74 15.60
CA LEU B 217 -8.44 -22.30 16.95
C LEU B 217 -9.91 -22.65 17.17
N GLU B 218 -10.14 -23.86 17.67
CA GLU B 218 -11.48 -24.35 17.97
C GLU B 218 -12.43 -24.25 16.78
N GLU B 219 -11.94 -24.59 15.60
CA GLU B 219 -12.78 -24.62 14.41
C GLU B 219 -13.20 -26.06 14.15
N SER B 220 -14.48 -26.26 13.80
CA SER B 220 -14.96 -27.58 13.44
C SER B 220 -15.47 -27.67 11.99
N TRP B 221 -15.79 -26.54 11.39
CA TRP B 221 -16.25 -26.53 9.99
C TRP B 221 -16.03 -25.20 9.29
N TYR B 222 -15.95 -25.25 7.96
CA TYR B 222 -15.95 -24.04 7.14
C TYR B 222 -16.53 -24.31 5.76
N LEU B 223 -16.99 -23.26 5.08
CA LEU B 223 -17.59 -23.40 3.76
C LEU B 223 -16.65 -22.95 2.66
N ALA B 224 -16.68 -23.66 1.55
CA ALA B 224 -15.95 -23.23 0.37
C ALA B 224 -16.78 -23.49 -0.88
N GLY B 225 -17.94 -22.86 -0.96
CA GLY B 225 -18.87 -23.05 -2.06
C GLY B 225 -19.97 -24.05 -1.68
N GLU B 226 -20.02 -25.16 -2.41
CA GLU B 226 -20.91 -26.27 -2.05
C GLU B 226 -20.34 -26.97 -0.82
N ALA B 227 -19.03 -27.17 -0.86
CA ALA B 227 -18.30 -27.95 0.13
C ALA B 227 -18.36 -27.37 1.54
N ARG B 228 -18.84 -28.19 2.48
CA ARG B 228 -18.80 -27.86 3.90
C ARG B 228 -17.82 -28.81 4.60
N LEU B 229 -16.62 -28.31 4.88
CA LEU B 229 -15.51 -29.17 5.30
C LEU B 229 -15.30 -29.25 6.80
N THR B 230 -14.82 -30.41 7.26
CA THR B 230 -14.65 -30.65 8.66
C THR B 230 -13.24 -30.30 9.10
N VAL B 231 -13.14 -29.62 10.23
CA VAL B 231 -11.87 -29.21 10.80
C VAL B 231 -11.82 -29.81 12.19
N VAL B 232 -10.66 -30.33 12.61
CA VAL B 232 -10.50 -30.69 14.02
C VAL B 232 -10.36 -29.40 14.81
N PRO B 233 -11.20 -29.22 15.84
CA PRO B 233 -11.00 -28.04 16.68
C PRO B 233 -9.81 -28.26 17.63
N VAL B 234 -8.86 -27.32 17.65
CA VAL B 234 -7.68 -27.41 18.52
C VAL B 234 -7.49 -26.15 19.35
N SER B 235 -6.79 -26.28 20.46
CA SER B 235 -6.54 -25.14 21.34
C SER B 235 -5.07 -24.73 21.21
N GLU B 236 -4.71 -23.60 21.81
CA GLU B 236 -3.34 -23.15 21.79
C GLU B 236 -2.41 -24.18 22.42
N GLU B 237 -2.84 -24.80 23.51
CA GLU B 237 -1.97 -25.72 24.24
C GLU B 237 -1.76 -27.01 23.46
N GLU B 238 -2.80 -27.49 22.79
CA GLU B 238 -2.67 -28.67 21.93
C GLU B 238 -1.69 -28.41 20.78
N VAL B 239 -1.76 -27.23 20.20
CA VAL B 239 -0.80 -26.83 19.17
C VAL B 239 0.63 -26.84 19.74
N ARG B 240 0.82 -26.23 20.90
CA ARG B 240 2.14 -26.16 21.53
C ARG B 240 2.70 -27.56 21.81
N GLU B 241 1.87 -28.41 22.42
CA GLU B 241 2.30 -29.77 22.73
C GLU B 241 2.69 -30.53 21.47
N ALA B 242 1.89 -30.44 20.41
CA ALA B 242 2.23 -31.09 19.15
C ALA B 242 3.57 -30.60 18.61
N LEU B 243 3.83 -29.29 18.71
CA LEU B 243 5.11 -28.77 18.26
C LEU B 243 6.26 -29.41 19.03
N VAL B 244 6.13 -29.42 20.35
CA VAL B 244 7.10 -30.09 21.21
C VAL B 244 7.22 -31.58 20.83
N ARG B 245 6.09 -32.21 20.59
CA ARG B 245 6.05 -33.64 20.30
C ARG B 245 6.77 -33.94 19.00
N SER B 246 6.88 -32.92 18.13
CA SER B 246 7.47 -33.09 16.80
C SER B 246 8.95 -32.74 16.77
N GLY B 247 9.47 -32.24 17.88
CA GLY B 247 10.88 -31.95 17.98
C GLY B 247 11.21 -30.50 17.68
N TYR B 248 10.32 -29.60 18.07
CA TYR B 248 10.55 -28.16 17.93
C TYR B 248 10.72 -27.52 19.29
N LYS B 249 11.45 -26.40 19.30
CA LYS B 249 11.32 -25.46 20.39
C LYS B 249 10.35 -24.38 19.93
N VAL B 250 9.38 -24.05 20.77
CA VAL B 250 8.46 -22.97 20.44
C VAL B 250 9.08 -21.63 20.83
N ARG B 251 9.34 -20.79 19.82
CA ARG B 251 9.95 -19.48 20.05
C ARG B 251 8.86 -18.45 20.30
N ASP B 252 7.72 -18.65 19.65
CA ASP B 252 6.62 -17.70 19.77
C ASP B 252 5.33 -18.44 19.47
N LEU B 253 4.29 -18.11 20.22
CA LEU B 253 2.95 -18.61 19.96
C LEU B 253 1.93 -17.58 20.44
N ARG B 254 1.33 -16.85 19.50
CA ARG B 254 0.39 -15.82 19.90
C ARG B 254 -0.99 -16.15 19.37
N THR B 255 -1.99 -15.52 19.98
CA THR B 255 -3.37 -15.81 19.68
C THR B 255 -4.18 -14.56 19.36
N TYR B 256 -5.10 -14.72 18.43
CA TYR B 256 -6.01 -13.68 18.05
C TYR B 256 -7.43 -14.20 18.26
N ILE B 257 -8.26 -13.44 18.96
CA ILE B 257 -9.65 -13.84 19.12
C ILE B 257 -10.50 -13.29 17.99
N MET B 258 -11.21 -14.17 17.30
CA MET B 258 -12.06 -13.72 16.21
C MET B 258 -13.16 -12.82 16.78
N PRO B 259 -13.21 -11.56 16.34
CA PRO B 259 -14.27 -10.65 16.81
C PRO B 259 -15.60 -11.03 16.15
N ALA B 260 -16.69 -10.84 16.88
CA ALA B 260 -18.00 -11.27 16.39
C ALA B 260 -18.26 -10.74 14.99
N HIS B 261 -17.88 -9.48 14.74
CA HIS B 261 -18.16 -8.85 13.46
C HIS B 261 -17.41 -9.52 12.33
N LEU B 262 -16.48 -10.41 12.67
CA LEU B 262 -15.75 -11.14 11.64
C LEU B 262 -16.17 -12.61 11.61
N GLN B 263 -17.09 -12.99 12.49
CA GLN B 263 -17.68 -14.32 12.41
C GLN B 263 -18.95 -14.24 11.57
N THR B 264 -18.87 -14.77 10.35
CA THR B 264 -19.84 -14.45 9.29
C THR B 264 -20.64 -15.63 8.72
N GLY B 265 -20.59 -16.77 9.37
CA GLY B 265 -21.34 -17.92 8.89
C GLY B 265 -20.58 -18.74 7.89
N VAL B 266 -19.36 -18.32 7.59
CA VAL B 266 -18.50 -19.05 6.65
C VAL B 266 -17.71 -20.13 7.37
N ASP B 267 -17.68 -20.02 8.71
CA ASP B 267 -17.02 -21.02 9.53
C ASP B 267 -17.37 -20.81 11.00
N ASP B 268 -16.72 -21.55 11.87
CA ASP B 268 -16.94 -21.37 13.30
C ASP B 268 -15.59 -21.23 14.01
N VAL B 269 -14.60 -20.66 13.32
CA VAL B 269 -13.33 -20.39 13.98
C VAL B 269 -13.53 -19.38 15.11
N LYS B 270 -12.93 -19.64 16.26
CA LYS B 270 -13.12 -18.81 17.45
C LYS B 270 -11.97 -17.85 17.65
N GLY B 271 -10.83 -18.22 17.08
CA GLY B 271 -9.63 -17.42 17.14
C GLY B 271 -8.59 -17.99 16.20
N VAL B 272 -7.45 -17.31 16.12
CA VAL B 272 -6.37 -17.75 15.25
C VAL B 272 -5.08 -17.85 16.05
N PHE B 273 -4.23 -18.82 15.72
CA PHE B 273 -2.92 -18.93 16.35
C PHE B 273 -1.80 -18.75 15.34
N PHE B 274 -0.67 -18.28 15.83
CA PHE B 274 0.53 -18.17 15.03
C PHE B 274 1.68 -18.75 15.83
N ALA B 275 2.37 -19.71 15.23
CA ALA B 275 3.48 -20.34 15.90
C ALA B 275 4.79 -20.12 15.14
N TRP B 276 5.80 -19.60 15.84
CA TRP B 276 7.18 -19.57 15.35
C TRP B 276 7.95 -20.65 16.10
N ALA B 277 8.39 -21.68 15.37
CA ALA B 277 9.04 -22.82 15.98
C ALA B 277 10.26 -23.25 15.17
N GLN B 278 11.27 -23.73 15.88
CA GLN B 278 12.57 -24.03 15.31
C GLN B 278 12.87 -25.49 15.61
N LYS B 279 13.00 -26.29 14.56
CA LYS B 279 13.25 -27.72 14.72
C LYS B 279 14.59 -27.99 15.39
N VAL B 280 14.55 -28.87 16.40
CA VAL B 280 15.72 -29.24 17.18
C VAL B 280 16.75 -30.01 16.35
N GLY B 281 18.02 -29.72 16.60
CA GLY B 281 19.11 -30.38 15.92
C GLY B 281 20.30 -29.45 15.74
#